data_7EOB
#
_entry.id   7EOB
#
_cell.length_a   41.655
_cell.length_b   57.249
_cell.length_c   155.041
_cell.angle_alpha   90.000
_cell.angle_beta   90.000
_cell.angle_gamma   90.000
#
_symmetry.space_group_name_H-M   'P 21 21 21'
#
loop_
_entity.id
_entity.type
_entity.pdbx_description
1 polymer 'Kinesin-like protein KIF1A'
2 non-polymer 'ALUMINUM FLUORIDE'
3 non-polymer 'MAGNESIUM ION'
4 non-polymer "ADENOSINE-5'-DIPHOSPHATE"
5 water water
#
_entity_poly.entity_id   1
_entity_poly.type   'polypeptide(L)'
_entity_poly.pdbx_seq_one_letter_code
;MAGASVKVAVRVRPFNSREMSRDSKCIIQMSGSTTTIVNPKQPKETPKSFSFDYSYWSHTSPEDINYASQKQVYRDIGEE
MLQHAFEGYNVCIFAYGQTGAGKSYTMMGKQEKDQQGIIPQLCEDLFSRINDTTNDNMSYSVEVSYMEIYCERVRDLLNP
KNKGNLRVREHPLLGPYVEDLSKLAVTSYNDIQDLMDSGNKPRTVAATNMNETSSRSHAVFNIIFTQKRHDAETNITTKK
VSKISLVDLAGSERADSTGAKGTRLKEGANINKSLTTLGKVISALAEMDSGPNKNKKKKKTDFIPYRDSVLTWLLRENLG
GNSRTAMVAALSPADINYDETLSTLRYADRAKQIRCNAIINEDPNNKLIRELKDEVTRLRDLHHHHHHH
;
_entity_poly.pdbx_strand_id   A
#
# COMPACT_ATOMS: atom_id res chain seq x y z
N ALA A 4 12.97 -0.06 12.02
CA ALA A 4 12.54 -1.25 11.24
C ALA A 4 12.88 -1.02 9.77
N SER A 5 12.86 -2.08 8.98
CA SER A 5 13.14 -2.07 7.53
C SER A 5 11.80 -1.96 6.81
N VAL A 6 11.79 -1.43 5.59
CA VAL A 6 10.70 -1.69 4.60
C VAL A 6 10.59 -3.22 4.40
N LYS A 7 9.39 -3.76 4.58
CA LYS A 7 9.15 -5.20 4.33
C LYS A 7 8.95 -5.36 2.81
N VAL A 8 9.52 -6.42 2.23
CA VAL A 8 9.46 -6.57 0.75
C VAL A 8 9.02 -7.98 0.39
N ALA A 9 7.92 -8.06 -0.36
CA ALA A 9 7.39 -9.30 -0.97
C ALA A 9 7.43 -9.14 -2.49
N VAL A 10 7.70 -10.24 -3.18
CA VAL A 10 7.53 -10.31 -4.65
C VAL A 10 6.56 -11.44 -4.94
N ARG A 11 5.85 -11.32 -6.06
CA ARG A 11 4.74 -12.22 -6.37
C ARG A 11 4.71 -12.44 -7.88
N VAL A 12 4.81 -13.70 -8.29
CA VAL A 12 4.77 -14.04 -9.73
C VAL A 12 3.40 -14.68 -10.01
N ARG A 13 2.76 -14.23 -11.09
CA ARG A 13 1.37 -14.59 -11.47
C ARG A 13 1.38 -15.67 -12.55
N PRO A 14 0.22 -16.23 -12.92
CA PRO A 14 0.13 -17.09 -14.11
C PRO A 14 0.40 -16.29 -15.38
N PHE A 15 0.73 -16.99 -16.47
CA PHE A 15 0.82 -16.38 -17.81
C PHE A 15 -0.49 -15.66 -18.13
N ASN A 16 -0.38 -14.50 -18.76
CA ASN A 16 -1.56 -13.78 -19.32
C ASN A 16 -1.66 -14.04 -20.83
N SER A 17 -2.63 -13.41 -21.48
CA SER A 17 -3.02 -13.65 -22.89
C SER A 17 -1.83 -13.31 -23.82
N ARG A 18 -1.19 -12.17 -23.61
CA ARG A 18 -0.05 -11.72 -24.45
C ARG A 18 1.05 -12.78 -24.40
N GLU A 19 1.31 -13.31 -23.21
CA GLU A 19 2.42 -14.27 -22.98
C GLU A 19 2.08 -15.59 -23.65
N MET A 20 0.86 -16.08 -23.44
CA MET A 20 0.39 -17.34 -24.08
C MET A 20 0.48 -17.19 -25.61
N SER A 21 0.19 -16.00 -26.14
CA SER A 21 0.18 -15.67 -27.59
C SER A 21 1.56 -15.93 -28.19
N ARG A 22 2.61 -15.67 -27.40
CA ARG A 22 4.02 -15.80 -27.86
C ARG A 22 4.66 -17.09 -27.34
N ASP A 23 3.86 -18.04 -26.90
CA ASP A 23 4.34 -19.35 -26.37
C ASP A 23 5.47 -19.10 -25.37
N SER A 24 5.28 -18.14 -24.46
CA SER A 24 6.27 -17.78 -23.42
C SER A 24 6.58 -19.00 -22.54
N LYS A 25 7.85 -19.05 -22.13
CA LYS A 25 8.27 -20.02 -21.12
C LYS A 25 8.41 -19.25 -19.80
N CYS A 26 8.42 -19.95 -18.68
CA CYS A 26 8.55 -19.37 -17.32
C CYS A 26 10.04 -19.23 -17.04
N ILE A 27 10.50 -18.06 -16.62
CA ILE A 27 11.92 -17.81 -16.27
C ILE A 27 12.07 -17.52 -14.76
N ILE A 28 11.01 -17.69 -13.99
CA ILE A 28 11.00 -17.40 -12.55
C ILE A 28 10.88 -18.72 -11.80
N GLN A 29 11.76 -18.92 -10.83
CA GLN A 29 11.67 -20.04 -9.86
C GLN A 29 11.73 -19.44 -8.45
N MET A 30 11.02 -20.07 -7.54
CA MET A 30 10.94 -19.62 -6.14
C MET A 30 11.14 -20.81 -5.22
N SER A 31 11.87 -20.58 -4.13
CA SER A 31 12.05 -21.55 -3.03
C SER A 31 12.25 -20.80 -1.71
N GLY A 32 11.42 -21.09 -0.72
CA GLY A 32 11.42 -20.36 0.56
C GLY A 32 11.18 -18.89 0.29
N SER A 33 12.15 -18.05 0.61
CA SER A 33 12.04 -16.58 0.48
C SER A 33 12.81 -16.10 -0.77
N THR A 34 13.39 -17.00 -1.56
CA THR A 34 14.26 -16.60 -2.68
C THR A 34 13.53 -16.75 -4.02
N THR A 35 13.79 -15.77 -4.88
CA THR A 35 13.36 -15.75 -6.29
C THR A 35 14.60 -15.81 -7.16
N THR A 36 14.58 -16.71 -8.14
CA THR A 36 15.62 -16.88 -9.18
C THR A 36 15.00 -16.57 -10.54
N ILE A 37 15.72 -15.80 -11.33
CA ILE A 37 15.34 -15.42 -12.71
C ILE A 37 16.46 -15.84 -13.67
N VAL A 38 16.09 -16.65 -14.67
CA VAL A 38 17.03 -17.06 -15.75
C VAL A 38 16.94 -16.05 -16.89
N ASN A 39 18.06 -15.81 -17.53
CA ASN A 39 18.12 -14.94 -18.72
C ASN A 39 17.82 -15.81 -19.93
N PRO A 40 16.62 -15.71 -20.56
CA PRO A 40 16.27 -16.57 -21.69
C PRO A 40 17.00 -16.15 -22.97
N LYS A 41 17.62 -14.98 -22.97
CA LYS A 41 18.38 -14.47 -24.14
C LYS A 41 19.85 -14.92 -24.07
N GLN A 42 20.37 -15.17 -22.86
CA GLN A 42 21.75 -15.69 -22.66
C GLN A 42 21.67 -16.89 -21.74
N PRO A 43 21.12 -18.03 -22.20
CA PRO A 43 20.81 -19.14 -21.31
C PRO A 43 22.05 -19.68 -20.59
N LYS A 44 23.24 -19.37 -21.08
CA LYS A 44 24.52 -19.86 -20.49
C LYS A 44 24.89 -19.15 -19.19
N GLU A 45 24.46 -17.90 -19.01
CA GLU A 45 24.87 -17.15 -17.80
C GLU A 45 24.08 -17.68 -16.59
N THR A 46 24.70 -17.59 -15.40
CA THR A 46 24.16 -18.19 -14.16
C THR A 46 22.93 -17.39 -13.77
N PRO A 47 21.82 -18.04 -13.40
CA PRO A 47 20.62 -17.34 -12.93
C PRO A 47 20.96 -16.37 -11.79
N LYS A 48 20.19 -15.28 -11.70
CA LYS A 48 20.30 -14.29 -10.61
C LYS A 48 19.25 -14.61 -9.55
N SER A 49 19.67 -14.59 -8.29
CA SER A 49 18.85 -14.96 -7.12
C SER A 49 18.75 -13.76 -6.18
N PHE A 50 17.56 -13.63 -5.59
CA PHE A 50 17.17 -12.51 -4.71
C PHE A 50 16.39 -13.11 -3.56
N SER A 51 16.63 -12.56 -2.38
CA SER A 51 15.96 -12.98 -1.14
C SER A 51 15.08 -11.82 -0.65
N PHE A 52 13.82 -12.11 -0.35
CA PHE A 52 12.86 -11.09 0.15
C PHE A 52 12.27 -11.56 1.49
N ASP A 53 11.50 -10.72 2.18
CA ASP A 53 10.64 -11.20 3.30
C ASP A 53 9.70 -12.30 2.79
N TYR A 54 9.12 -12.17 1.60
CA TYR A 54 8.32 -13.25 0.99
C TYR A 54 8.60 -13.31 -0.52
N SER A 55 8.69 -14.53 -1.04
CA SER A 55 8.62 -14.84 -2.49
C SER A 55 7.34 -15.67 -2.75
N TYR A 56 6.32 -15.02 -3.31
CA TYR A 56 4.97 -15.61 -3.51
C TYR A 56 4.89 -16.25 -4.91
N TRP A 57 4.72 -17.57 -4.92
CA TRP A 57 4.52 -18.41 -6.12
C TRP A 57 3.02 -18.43 -6.42
N SER A 58 2.55 -17.58 -7.32
CA SER A 58 1.14 -17.60 -7.77
C SER A 58 1.12 -17.92 -9.26
N HIS A 59 2.06 -18.74 -9.74
CA HIS A 59 2.21 -18.99 -11.20
C HIS A 59 1.21 -20.06 -11.68
N THR A 60 0.62 -20.89 -10.83
CA THR A 60 -0.29 -22.01 -11.22
C THR A 60 -1.75 -21.61 -10.97
N SER A 61 -2.51 -22.37 -10.15
CA SER A 61 -3.93 -22.02 -9.83
C SER A 61 -4.21 -22.34 -8.37
N PRO A 62 -5.30 -21.79 -7.78
CA PRO A 62 -5.66 -22.09 -6.41
C PRO A 62 -5.89 -23.58 -6.17
N GLU A 63 -5.96 -24.44 -7.19
CA GLU A 63 -6.07 -25.90 -6.96
C GLU A 63 -4.74 -26.47 -6.44
N ASP A 64 -3.64 -25.74 -6.61
CA ASP A 64 -2.28 -26.16 -6.22
C ASP A 64 -2.20 -25.98 -4.69
N ILE A 65 -1.54 -26.89 -4.01
CA ILE A 65 -1.15 -26.69 -2.57
C ILE A 65 -0.16 -25.52 -2.47
N ASN A 66 0.70 -25.30 -3.46
CA ASN A 66 1.80 -24.28 -3.36
C ASN A 66 1.42 -22.92 -3.97
N TYR A 67 0.16 -22.68 -4.31
CA TYR A 67 -0.29 -21.40 -4.90
C TYR A 67 -0.45 -20.37 -3.76
N ALA A 68 0.26 -19.23 -3.83
CA ALA A 68 0.13 -18.09 -2.87
C ALA A 68 -1.18 -17.34 -3.17
N SER A 69 -2.16 -17.52 -2.29
CA SER A 69 -3.54 -17.01 -2.45
C SER A 69 -3.62 -15.53 -2.06
N GLN A 70 -4.67 -14.86 -2.50
CA GLN A 70 -5.08 -13.50 -2.03
C GLN A 70 -5.15 -13.50 -0.51
N LYS A 71 -5.75 -14.53 0.07
CA LYS A 71 -5.89 -14.62 1.55
C LYS A 71 -4.51 -14.67 2.19
N GLN A 72 -3.64 -15.49 1.64
CA GLN A 72 -2.29 -15.69 2.21
C GLN A 72 -1.49 -14.38 2.10
N VAL A 73 -1.55 -13.70 0.96
CA VAL A 73 -0.81 -12.42 0.81
C VAL A 73 -1.35 -11.41 1.84
N TYR A 74 -2.66 -11.27 1.95
CA TYR A 74 -3.26 -10.35 2.95
C TYR A 74 -2.79 -10.73 4.36
N ARG A 75 -2.90 -12.01 4.73
CA ARG A 75 -2.67 -12.49 6.11
C ARG A 75 -1.21 -12.29 6.51
N ASP A 76 -0.30 -12.16 5.55
CA ASP A 76 1.12 -11.87 5.90
C ASP A 76 1.33 -10.37 6.07
N ILE A 77 1.26 -9.59 5.00
CA ILE A 77 1.57 -8.13 5.06
C ILE A 77 0.34 -7.30 5.47
N GLY A 78 -0.84 -7.58 4.90
CA GLY A 78 -2.01 -6.71 5.16
C GLY A 78 -2.39 -6.74 6.64
N GLU A 79 -2.47 -7.92 7.23
CA GLU A 79 -2.86 -8.12 8.65
C GLU A 79 -1.82 -7.48 9.57
N GLU A 80 -0.55 -7.71 9.26
CA GLU A 80 0.56 -7.12 10.05
C GLU A 80 0.40 -5.59 10.04
N MET A 81 0.19 -4.98 8.88
CA MET A 81 0.04 -3.49 8.82
C MET A 81 -1.25 -3.05 9.52
N LEU A 82 -2.37 -3.76 9.38
CA LEU A 82 -3.60 -3.36 10.10
C LEU A 82 -3.34 -3.42 11.61
N GLN A 83 -2.57 -4.41 12.08
CA GLN A 83 -2.24 -4.57 13.52
C GLN A 83 -1.39 -3.37 13.96
N HIS A 84 -0.41 -2.98 13.15
CA HIS A 84 0.44 -1.79 13.43
C HIS A 84 -0.43 -0.52 13.50
N ALA A 85 -1.46 -0.40 12.65
CA ALA A 85 -2.40 0.75 12.69
C ALA A 85 -3.18 0.74 14.02
N PHE A 86 -3.64 -0.43 14.45
CA PHE A 86 -4.29 -0.61 15.78
C PHE A 86 -3.35 -0.22 16.92
N GLU A 87 -2.03 -0.46 16.78
CA GLU A 87 -1.02 -0.04 17.79
C GLU A 87 -0.84 1.48 17.76
N GLY A 88 -1.20 2.15 16.67
CA GLY A 88 -1.09 3.61 16.55
C GLY A 88 0.01 4.06 15.58
N TYR A 89 0.56 3.16 14.77
CA TYR A 89 1.53 3.53 13.71
C TYR A 89 0.79 3.90 12.42
N ASN A 90 1.34 4.85 11.68
CA ASN A 90 0.99 5.06 10.26
C ASN A 90 1.57 3.87 9.48
N VAL A 91 0.85 3.40 8.46
CA VAL A 91 1.28 2.20 7.70
C VAL A 91 1.08 2.49 6.21
N CYS A 92 1.85 1.79 5.38
CA CYS A 92 1.79 1.95 3.92
C CYS A 92 2.11 0.60 3.27
N ILE A 93 1.28 0.22 2.30
CA ILE A 93 1.61 -0.89 1.37
C ILE A 93 1.51 -0.30 -0.03
N PHE A 94 2.57 -0.45 -0.83
CA PHE A 94 2.54 -0.08 -2.26
C PHE A 94 2.89 -1.28 -3.13
N ALA A 95 2.12 -1.41 -4.21
CA ALA A 95 2.30 -2.43 -5.26
C ALA A 95 3.08 -1.79 -6.42
N TYR A 96 4.20 -2.42 -6.78
CA TYR A 96 5.19 -1.94 -7.75
C TYR A 96 5.37 -3.01 -8.84
N GLY A 97 5.55 -2.59 -10.08
CA GLY A 97 6.00 -3.51 -11.13
C GLY A 97 5.47 -3.12 -12.49
N GLN A 98 5.88 -3.89 -13.49
CA GLN A 98 5.54 -3.67 -14.90
C GLN A 98 4.03 -3.73 -15.10
N THR A 99 3.53 -2.95 -16.06
CA THR A 99 2.13 -3.06 -16.53
C THR A 99 1.84 -4.53 -16.83
N GLY A 100 0.69 -4.99 -16.35
CA GLY A 100 0.21 -6.37 -16.49
C GLY A 100 0.83 -7.35 -15.51
N ALA A 101 1.74 -6.93 -14.62
CA ALA A 101 2.46 -7.86 -13.72
C ALA A 101 1.58 -8.33 -12.56
N GLY A 102 0.61 -7.53 -12.10
CA GLY A 102 -0.35 -7.99 -11.07
C GLY A 102 -0.49 -7.01 -9.90
N LYS A 103 -0.20 -5.72 -10.11
CA LYS A 103 -0.36 -4.69 -9.02
C LYS A 103 -1.83 -4.58 -8.60
N SER A 104 -2.74 -4.32 -9.54
CA SER A 104 -4.19 -4.11 -9.26
C SER A 104 -4.82 -5.38 -8.75
N TYR A 105 -4.40 -6.54 -9.29
CA TYR A 105 -4.94 -7.83 -8.80
C TYR A 105 -4.55 -7.97 -7.30
N THR A 106 -3.30 -7.66 -6.95
CA THR A 106 -2.81 -7.78 -5.57
C THR A 106 -3.49 -6.77 -4.63
N MET A 107 -3.64 -5.51 -5.04
CA MET A 107 -4.18 -4.44 -4.18
C MET A 107 -5.72 -4.47 -4.14
N MET A 108 -6.38 -4.66 -5.27
CA MET A 108 -7.85 -4.64 -5.36
C MET A 108 -8.38 -6.05 -5.65
N GLY A 109 -7.79 -6.82 -6.55
CA GLY A 109 -8.33 -8.14 -6.87
C GLY A 109 -9.71 -8.04 -7.54
N LYS A 110 -10.50 -9.09 -7.41
CA LYS A 110 -11.84 -9.12 -8.03
C LYS A 110 -12.85 -9.60 -6.98
N GLN A 111 -14.13 -9.31 -7.15
CA GLN A 111 -15.14 -9.85 -6.20
C GLN A 111 -15.49 -11.29 -6.54
N GLU A 112 -15.39 -11.67 -7.81
CA GLU A 112 -15.84 -13.01 -8.26
C GLU A 112 -14.94 -14.12 -7.72
N LYS A 113 -15.42 -14.87 -6.73
CA LYS A 113 -14.71 -16.08 -6.21
C LYS A 113 -13.54 -15.78 -5.28
N ASP A 114 -13.76 -15.08 -4.16
CA ASP A 114 -12.68 -14.87 -3.14
C ASP A 114 -11.42 -14.32 -3.80
N GLN A 115 -11.57 -13.50 -4.82
CA GLN A 115 -10.39 -12.89 -5.49
C GLN A 115 -10.06 -11.53 -4.86
N GLN A 116 -10.71 -11.12 -3.78
CA GLN A 116 -10.49 -9.76 -3.21
C GLN A 116 -9.03 -9.58 -2.79
N GLY A 117 -8.48 -8.43 -3.15
CA GLY A 117 -7.08 -8.07 -2.85
C GLY A 117 -6.88 -7.49 -1.46
N ILE A 118 -5.69 -6.92 -1.23
CA ILE A 118 -5.27 -6.38 0.10
C ILE A 118 -6.26 -5.29 0.55
N ILE A 119 -6.69 -4.39 -0.34
CA ILE A 119 -7.49 -3.20 0.09
C ILE A 119 -8.84 -3.66 0.63
N PRO A 120 -9.64 -4.44 -0.12
CA PRO A 120 -10.93 -4.90 0.41
C PRO A 120 -10.76 -5.77 1.67
N GLN A 121 -9.79 -6.69 1.68
CA GLN A 121 -9.61 -7.60 2.85
C GLN A 121 -9.24 -6.77 4.10
N LEU A 122 -8.38 -5.75 3.96
CA LEU A 122 -7.99 -4.89 5.09
C LEU A 122 -9.22 -4.12 5.59
N CYS A 123 -10.00 -3.52 4.69
CA CYS A 123 -11.22 -2.77 5.05
C CYS A 123 -12.22 -3.70 5.75
N GLU A 124 -12.38 -4.92 5.27
CA GLU A 124 -13.34 -5.88 5.90
C GLU A 124 -12.81 -6.25 7.27
N ASP A 125 -11.50 -6.44 7.41
CA ASP A 125 -10.83 -6.86 8.66
C ASP A 125 -10.95 -5.72 9.68
N LEU A 126 -10.75 -4.48 9.22
CA LEU A 126 -10.82 -3.27 10.06
C LEU A 126 -12.21 -3.19 10.72
N PHE A 127 -13.27 -3.26 9.92
CA PHE A 127 -14.64 -3.07 10.43
C PHE A 127 -15.07 -4.27 11.27
N SER A 128 -14.65 -5.47 10.89
CA SER A 128 -14.90 -6.71 11.66
C SER A 128 -14.25 -6.58 13.05
N ARG A 129 -13.02 -6.05 13.16
CA ARG A 129 -12.34 -5.86 14.46
C ARG A 129 -13.06 -4.77 15.29
N ILE A 130 -13.45 -3.67 14.66
CA ILE A 130 -14.17 -2.57 15.35
C ILE A 130 -15.49 -3.11 15.91
N ASN A 131 -16.23 -3.88 15.12
CA ASN A 131 -17.59 -4.37 15.45
C ASN A 131 -17.51 -5.50 16.46
N ASP A 132 -16.32 -6.03 16.71
CA ASP A 132 -16.12 -7.12 17.72
C ASP A 132 -15.77 -6.51 19.08
N THR A 133 -15.52 -5.20 19.13
CA THR A 133 -15.22 -4.45 20.39
C THR A 133 -16.20 -4.86 21.51
N THR A 134 -15.73 -5.20 22.70
CA THR A 134 -16.64 -5.46 23.85
C THR A 134 -16.60 -4.31 24.89
N ASN A 135 -15.58 -3.46 24.87
CA ASN A 135 -15.42 -2.35 25.87
C ASN A 135 -16.20 -1.11 25.43
N ASP A 136 -17.23 -0.70 26.19
CA ASP A 136 -18.04 0.50 25.86
C ASP A 136 -17.23 1.78 26.10
N ASN A 137 -15.99 1.66 26.56
CA ASN A 137 -15.12 2.85 26.69
C ASN A 137 -14.37 3.11 25.36
N MET A 138 -14.44 2.17 24.42
CA MET A 138 -13.79 2.31 23.09
C MET A 138 -14.84 2.75 22.06
N SER A 139 -14.53 3.80 21.31
CA SER A 139 -15.36 4.39 20.24
C SER A 139 -14.44 4.64 19.03
N TYR A 140 -14.93 4.62 17.79
CA TYR A 140 -14.03 4.70 16.60
C TYR A 140 -14.58 5.58 15.49
N SER A 141 -13.63 6.07 14.70
CA SER A 141 -13.93 6.87 13.49
C SER A 141 -13.07 6.34 12.32
N VAL A 142 -13.65 6.19 11.14
CA VAL A 142 -12.97 5.70 9.91
C VAL A 142 -13.28 6.70 8.81
N GLU A 143 -12.27 7.42 8.35
CA GLU A 143 -12.37 8.39 7.25
C GLU A 143 -11.55 7.88 6.05
N VAL A 144 -12.16 7.88 4.87
CA VAL A 144 -11.52 7.38 3.63
C VAL A 144 -11.32 8.55 2.64
N SER A 145 -10.17 8.49 1.96
CA SER A 145 -9.85 9.38 0.82
C SER A 145 -9.30 8.45 -0.29
N TYR A 146 -9.56 8.77 -1.56
CA TYR A 146 -9.08 7.96 -2.71
C TYR A 146 -8.74 8.92 -3.84
N MET A 147 -7.47 8.99 -4.20
CA MET A 147 -6.99 9.91 -5.24
C MET A 147 -6.27 9.14 -6.34
N GLU A 148 -6.22 9.77 -7.50
CA GLU A 148 -5.41 9.33 -8.64
C GLU A 148 -4.35 10.38 -8.89
N ILE A 149 -3.12 9.95 -9.15
CA ILE A 149 -2.05 10.83 -9.68
C ILE A 149 -1.79 10.35 -11.11
N TYR A 150 -2.02 11.22 -12.08
CA TYR A 150 -1.84 10.94 -13.52
C TYR A 150 -1.17 12.16 -14.17
N CYS A 151 0.04 11.99 -14.68
CA CYS A 151 0.88 13.04 -15.29
C CYS A 151 1.05 14.19 -14.29
N GLU A 152 1.30 13.83 -13.03
CA GLU A 152 1.53 14.81 -11.93
C GLU A 152 0.27 15.60 -11.59
N ARG A 153 -0.91 15.23 -12.11
CA ARG A 153 -2.18 15.89 -11.70
C ARG A 153 -2.95 15.00 -10.73
N VAL A 154 -3.55 15.60 -9.69
CA VAL A 154 -4.29 14.85 -8.65
C VAL A 154 -5.80 14.99 -8.88
N ARG A 155 -6.48 13.87 -8.95
CA ARG A 155 -7.96 13.86 -9.06
C ARG A 155 -8.51 13.18 -7.82
N ASP A 156 -9.66 13.66 -7.37
CA ASP A 156 -10.46 13.06 -6.29
C ASP A 156 -11.39 11.98 -6.86
N LEU A 157 -11.12 10.70 -6.54
CA LEU A 157 -11.88 9.58 -7.11
C LEU A 157 -13.21 9.44 -6.38
N LEU A 158 -13.34 10.07 -5.22
CA LEU A 158 -14.60 9.98 -4.41
C LEU A 158 -15.53 11.14 -4.74
N ASN A 159 -15.02 12.13 -5.47
CA ASN A 159 -15.85 13.27 -5.94
C ASN A 159 -15.47 13.58 -7.40
N PRO A 160 -15.76 12.70 -8.38
CA PRO A 160 -15.37 12.92 -9.77
C PRO A 160 -15.90 14.23 -10.37
N LYS A 161 -16.98 14.77 -9.81
CA LYS A 161 -17.54 16.08 -10.25
C LYS A 161 -16.69 17.22 -9.68
N ASN A 162 -15.40 17.00 -9.58
CA ASN A 162 -14.44 18.05 -9.17
C ASN A 162 -13.35 17.92 -10.21
N LYS A 163 -13.53 18.53 -11.38
CA LYS A 163 -12.51 18.30 -12.43
C LYS A 163 -11.27 19.02 -11.95
N GLY A 164 -11.34 19.61 -10.75
CA GLY A 164 -10.11 20.18 -10.18
C GLY A 164 -8.91 19.24 -10.35
N ASN A 165 -7.76 19.82 -10.62
CA ASN A 165 -6.45 19.16 -10.45
C ASN A 165 -5.92 19.65 -9.10
N LEU A 166 -6.35 18.95 -8.04
CA LEU A 166 -6.14 19.41 -6.64
C LEU A 166 -4.66 19.74 -6.48
N ARG A 167 -4.38 20.80 -5.74
CA ARG A 167 -3.01 21.31 -5.54
C ARG A 167 -2.43 20.52 -4.37
N VAL A 168 -1.23 19.98 -4.54
CA VAL A 168 -0.42 19.41 -3.44
C VAL A 168 0.34 20.58 -2.81
N ARG A 169 0.24 20.66 -1.47
CA ARG A 169 0.82 21.72 -0.63
C ARG A 169 1.64 21.08 0.48
N GLU A 170 2.66 21.81 0.94
CA GLU A 170 3.43 21.53 2.17
C GLU A 170 2.83 22.44 3.24
N HIS A 171 2.26 21.84 4.28
CA HIS A 171 1.82 22.60 5.48
C HIS A 171 3.10 23.09 6.15
N PRO A 172 3.18 24.36 6.60
CA PRO A 172 4.45 24.87 7.13
C PRO A 172 4.97 24.06 8.32
N LEU A 173 4.11 23.34 9.04
CA LEU A 173 4.53 22.53 10.20
C LEU A 173 4.20 21.03 10.03
N LEU A 174 3.13 20.67 9.32
CA LEU A 174 2.54 19.30 9.39
C LEU A 174 2.76 18.50 8.10
N GLY A 175 3.47 19.00 7.10
CA GLY A 175 3.89 18.16 5.97
C GLY A 175 2.87 18.16 4.84
N PRO A 176 3.05 17.32 3.80
CA PRO A 176 2.27 17.47 2.58
C PRO A 176 0.80 17.05 2.74
N TYR A 177 -0.08 17.66 1.97
CA TYR A 177 -1.51 17.29 1.91
C TYR A 177 -2.05 17.72 0.56
N VAL A 178 -3.18 17.12 0.17
CA VAL A 178 -3.92 17.46 -1.07
C VAL A 178 -5.04 18.43 -0.70
N GLU A 179 -4.93 19.67 -1.15
CA GLU A 179 -5.93 20.72 -0.82
C GLU A 179 -7.28 20.29 -1.37
N ASP A 180 -8.31 20.26 -0.50
CA ASP A 180 -9.75 20.04 -0.81
C ASP A 180 -10.02 18.57 -1.19
N LEU A 181 -9.13 17.64 -0.91
CA LEU A 181 -9.41 16.21 -1.20
C LEU A 181 -10.52 15.76 -0.26
N SER A 182 -11.57 15.13 -0.78
CA SER A 182 -12.67 14.54 0.02
C SER A 182 -12.07 13.62 1.08
N LYS A 183 -12.62 13.70 2.29
CA LYS A 183 -12.35 12.80 3.44
C LYS A 183 -13.73 12.44 4.01
N LEU A 184 -14.24 11.27 3.69
CA LEU A 184 -15.64 10.87 4.01
C LEU A 184 -15.63 9.91 5.20
N ALA A 185 -16.40 10.23 6.24
CA ALA A 185 -16.76 9.33 7.37
C ALA A 185 -17.52 8.12 6.83
N VAL A 186 -17.12 6.92 7.20
CA VAL A 186 -17.83 5.67 6.82
C VAL A 186 -17.99 4.81 8.08
N THR A 187 -19.12 4.14 8.23
CA THR A 187 -19.46 3.41 9.47
C THR A 187 -19.77 1.97 9.14
N SER A 188 -19.48 1.49 7.93
CA SER A 188 -19.62 0.04 7.61
C SER A 188 -18.72 -0.36 6.45
N TYR A 189 -18.43 -1.66 6.38
CA TYR A 189 -17.63 -2.27 5.29
C TYR A 189 -18.37 -2.06 3.96
N ASN A 190 -19.69 -2.25 3.94
CA ASN A 190 -20.52 -2.04 2.71
C ASN A 190 -20.32 -0.63 2.17
N ASP A 191 -20.26 0.37 3.05
CA ASP A 191 -20.19 1.79 2.64
C ASP A 191 -18.81 2.06 2.05
N ILE A 192 -17.76 1.50 2.65
CA ILE A 192 -16.38 1.78 2.20
C ILE A 192 -16.17 1.04 0.87
N GLN A 193 -16.82 -0.12 0.71
CA GLN A 193 -16.73 -0.95 -0.53
C GLN A 193 -17.39 -0.20 -1.70
N ASP A 194 -18.56 0.41 -1.49
CA ASP A 194 -19.27 1.21 -2.51
C ASP A 194 -18.40 2.37 -2.94
N LEU A 195 -17.70 3.01 -2.00
CA LEU A 195 -16.83 4.16 -2.34
C LEU A 195 -15.63 3.67 -3.14
N MET A 196 -15.06 2.55 -2.75
CA MET A 196 -13.92 1.91 -3.46
C MET A 196 -14.36 1.60 -4.90
N ASP A 197 -15.54 1.01 -5.07
CA ASP A 197 -16.10 0.59 -6.39
C ASP A 197 -16.29 1.83 -7.27
N SER A 198 -16.98 2.83 -6.75
CA SER A 198 -17.25 4.13 -7.43
C SER A 198 -15.92 4.79 -7.79
N GLY A 199 -14.96 4.80 -6.87
CA GLY A 199 -13.64 5.38 -7.08
C GLY A 199 -12.86 4.66 -8.17
N ASN A 200 -12.94 3.33 -8.21
CA ASN A 200 -12.26 2.49 -9.24
C ASN A 200 -12.79 2.83 -10.63
N LYS A 201 -14.11 3.03 -10.75
CA LYS A 201 -14.80 3.38 -12.02
C LYS A 201 -14.37 4.78 -12.50
N PRO A 202 -13.98 5.69 -11.59
CA PRO A 202 -13.61 7.05 -12.01
C PRO A 202 -12.14 7.18 -12.40
N ARG A 203 -11.38 6.09 -12.29
CA ARG A 203 -9.93 6.11 -12.67
C ARG A 203 -9.77 6.42 -14.17
N THR A 204 -8.66 7.03 -14.56
CA THR A 204 -8.41 7.50 -15.97
C THR A 204 -8.14 6.28 -16.86
N VAL A 205 -8.83 6.19 -18.01
CA VAL A 205 -8.66 5.10 -19.02
C VAL A 205 -7.75 5.61 -20.13
N ALA A 206 -7.17 4.69 -20.91
CA ALA A 206 -6.33 5.01 -22.08
C ALA A 206 -6.64 4.04 -23.24
N ALA A 207 -6.90 4.62 -24.41
CA ALA A 207 -6.96 3.93 -25.72
C ALA A 207 -5.82 2.92 -25.86
N THR A 208 -4.60 3.34 -25.50
CA THR A 208 -3.38 2.49 -25.62
C THR A 208 -3.57 1.20 -24.80
N ASN A 209 -4.27 1.26 -23.67
CA ASN A 209 -4.60 0.05 -22.86
C ASN A 209 -5.99 -0.48 -23.24
N MET A 210 -6.43 -0.30 -24.49
CA MET A 210 -7.74 -0.81 -24.95
C MET A 210 -8.86 -0.26 -24.05
N ASN A 211 -8.72 0.97 -23.59
CA ASN A 211 -9.71 1.70 -22.77
C ASN A 211 -9.85 1.03 -21.39
N GLU A 212 -8.86 0.25 -20.95
CA GLU A 212 -8.72 -0.08 -19.51
C GLU A 212 -8.07 1.12 -18.80
N THR A 213 -8.02 1.04 -17.48
CA THR A 213 -7.34 2.04 -16.62
C THR A 213 -5.95 2.34 -17.17
N SER A 214 -5.59 3.62 -17.26
CA SER A 214 -4.26 4.01 -17.77
C SER A 214 -3.18 3.33 -16.92
N SER A 215 -2.18 2.78 -17.59
CA SER A 215 -1.00 2.13 -16.99
C SER A 215 -0.08 3.21 -16.38
N ARG A 216 -0.35 4.49 -16.62
CA ARG A 216 0.49 5.60 -16.16
C ARG A 216 -0.17 6.26 -14.94
N SER A 217 -1.27 5.74 -14.43
CA SER A 217 -1.95 6.39 -13.28
C SER A 217 -1.62 5.67 -11.97
N HIS A 218 -1.32 6.44 -10.94
CA HIS A 218 -1.18 5.96 -9.54
C HIS A 218 -2.50 6.13 -8.81
N ALA A 219 -2.91 5.15 -8.01
CA ALA A 219 -4.10 5.22 -7.14
C ALA A 219 -3.67 5.11 -5.68
N VAL A 220 -3.97 6.12 -4.85
CA VAL A 220 -3.65 6.13 -3.39
C VAL A 220 -4.98 6.12 -2.62
N PHE A 221 -5.17 5.05 -1.86
CA PHE A 221 -6.34 4.82 -0.97
C PHE A 221 -5.90 5.01 0.47
N ASN A 222 -6.46 6.04 1.13
CA ASN A 222 -6.06 6.40 2.51
C ASN A 222 -7.22 6.20 3.47
N ILE A 223 -6.92 5.62 4.63
CA ILE A 223 -7.85 5.54 5.77
C ILE A 223 -7.21 6.30 6.93
N ILE A 224 -7.99 7.22 7.52
CA ILE A 224 -7.68 7.84 8.84
C ILE A 224 -8.49 7.08 9.87
N PHE A 225 -7.79 6.30 10.68
CA PHE A 225 -8.38 5.43 11.73
C PHE A 225 -8.16 6.13 13.09
N THR A 226 -9.25 6.60 13.70
CA THR A 226 -9.24 7.27 15.02
C THR A 226 -9.86 6.32 16.05
N GLN A 227 -9.08 5.99 17.08
CA GLN A 227 -9.49 5.16 18.23
C GLN A 227 -9.68 6.10 19.43
N LYS A 228 -10.86 6.12 20.02
CA LYS A 228 -11.21 7.05 21.12
C LYS A 228 -11.44 6.21 22.38
N ARG A 229 -10.62 6.43 23.42
CA ARG A 229 -10.74 5.72 24.73
C ARG A 229 -11.32 6.69 25.76
N HIS A 230 -12.53 6.44 26.22
CA HIS A 230 -13.19 7.28 27.26
C HIS A 230 -12.75 6.81 28.65
N ASP A 231 -12.14 7.69 29.45
CA ASP A 231 -11.81 7.42 30.88
C ASP A 231 -12.99 7.83 31.80
N ALA A 232 -13.58 6.86 32.49
CA ALA A 232 -14.75 7.04 33.40
C ALA A 232 -14.45 8.10 34.48
N GLU A 233 -13.40 7.87 35.30
CA GLU A 233 -13.07 8.70 36.49
C GLU A 233 -12.93 10.16 36.06
N THR A 234 -12.18 10.43 34.99
CA THR A 234 -11.73 11.79 34.60
C THR A 234 -12.60 12.39 33.49
N ASN A 235 -13.35 11.59 32.74
CA ASN A 235 -14.12 12.03 31.55
C ASN A 235 -13.15 12.56 30.47
N ILE A 236 -11.85 12.26 30.55
CA ILE A 236 -10.91 12.59 29.44
C ILE A 236 -11.11 11.50 28.39
N THR A 237 -11.25 11.88 27.12
CA THR A 237 -11.17 10.89 26.00
C THR A 237 -9.79 11.04 25.36
N THR A 238 -8.97 9.97 25.37
CA THR A 238 -7.66 9.92 24.67
C THR A 238 -7.88 9.46 23.22
N LYS A 239 -7.10 9.99 22.29
CA LYS A 239 -7.23 9.71 20.83
C LYS A 239 -5.94 9.06 20.32
N LYS A 240 -6.08 7.94 19.60
CA LYS A 240 -5.01 7.33 18.79
C LYS A 240 -5.41 7.42 17.30
N VAL A 241 -4.58 8.06 16.48
CA VAL A 241 -4.87 8.33 15.04
C VAL A 241 -3.78 7.64 14.21
N SER A 242 -4.23 6.83 13.25
CA SER A 242 -3.31 6.11 12.36
C SER A 242 -3.74 6.31 10.89
N LYS A 243 -2.78 6.61 10.02
CA LYS A 243 -3.03 6.81 8.58
C LYS A 243 -2.55 5.53 7.90
N ILE A 244 -3.45 4.91 7.15
CA ILE A 244 -3.21 3.68 6.37
C ILE A 244 -3.24 4.09 4.89
N SER A 245 -2.11 4.00 4.19
CA SER A 245 -1.96 4.36 2.76
C SER A 245 -1.76 3.09 1.93
N LEU A 246 -2.70 2.77 1.05
CA LEU A 246 -2.66 1.56 0.19
C LEU A 246 -2.57 2.03 -1.26
N VAL A 247 -1.45 1.70 -1.92
CA VAL A 247 -1.01 2.36 -3.17
C VAL A 247 -0.88 1.31 -4.30
N ASP A 248 -1.47 1.62 -5.44
CA ASP A 248 -1.39 0.85 -6.69
C ASP A 248 -0.67 1.76 -7.69
N LEU A 249 0.64 1.59 -7.84
CA LEU A 249 1.47 2.52 -8.64
C LEU A 249 1.19 2.36 -10.14
N ALA A 250 1.62 3.36 -10.89
CA ALA A 250 1.77 3.32 -12.36
C ALA A 250 2.76 2.20 -12.74
N GLY A 251 2.65 1.69 -13.95
CA GLY A 251 3.53 0.61 -14.44
C GLY A 251 4.98 1.06 -14.49
N SER A 252 5.91 0.25 -13.97
CA SER A 252 7.34 0.62 -13.81
C SER A 252 8.12 0.64 -15.16
N GLU A 253 7.57 0.13 -16.28
CA GLU A 253 8.35 -0.08 -17.54
C GLU A 253 8.87 1.23 -18.17
N ARG A 254 9.90 1.14 -19.01
CA ARG A 254 10.41 2.28 -19.83
C ARG A 254 11.42 1.74 -20.86
N ASN A 270 8.64 14.09 -16.85
CA ASN A 270 7.59 14.92 -17.50
C ASN A 270 6.22 14.37 -17.08
N ILE A 271 5.96 13.11 -17.38
CA ILE A 271 4.69 12.47 -16.94
C ILE A 271 4.99 11.03 -16.51
N ASN A 272 6.27 10.67 -16.51
CA ASN A 272 6.69 9.42 -15.83
C ASN A 272 7.52 10.00 -14.66
N LYS A 273 7.42 11.33 -14.45
CA LYS A 273 8.15 12.01 -13.33
C LYS A 273 8.00 11.15 -12.06
N SER A 274 6.78 10.88 -11.63
CA SER A 274 6.56 10.19 -10.33
C SER A 274 7.25 8.84 -10.29
N LEU A 275 7.09 8.07 -11.35
CA LEU A 275 7.64 6.70 -11.35
C LEU A 275 9.17 6.75 -11.34
N THR A 276 9.77 7.60 -12.17
CA THR A 276 11.24 7.75 -12.26
C THR A 276 11.77 8.31 -10.94
N THR A 277 11.06 9.27 -10.34
CA THR A 277 11.52 9.87 -9.07
C THR A 277 11.43 8.84 -7.95
N LEU A 278 10.37 8.03 -7.90
CA LEU A 278 10.27 6.95 -6.88
C LEU A 278 11.51 6.07 -6.92
N GLY A 279 12.00 5.74 -8.12
CA GLY A 279 13.19 4.88 -8.28
C GLY A 279 14.41 5.54 -7.67
N LYS A 280 14.60 6.83 -7.97
CA LYS A 280 15.76 7.59 -7.42
C LYS A 280 15.65 7.68 -5.88
N VAL A 281 14.44 7.92 -5.37
CA VAL A 281 14.19 8.01 -3.90
C VAL A 281 14.55 6.67 -3.25
N ILE A 282 14.09 5.54 -3.80
CA ILE A 282 14.36 4.19 -3.23
C ILE A 282 15.87 3.98 -3.21
N SER A 283 16.52 4.31 -4.33
CA SER A 283 17.99 4.10 -4.53
C SER A 283 18.75 4.96 -3.52
N ALA A 284 18.37 6.23 -3.35
CA ALA A 284 19.07 7.15 -2.42
C ALA A 284 18.85 6.70 -0.97
N LEU A 285 17.66 6.19 -0.64
CA LEU A 285 17.33 5.71 0.73
C LEU A 285 18.07 4.41 1.05
N ALA A 286 18.19 3.52 0.06
CA ALA A 286 18.94 2.24 0.17
C ALA A 286 20.43 2.54 0.37
N GLU A 287 20.94 3.60 -0.27
CA GLU A 287 22.37 4.01 -0.26
C GLU A 287 22.76 4.60 1.12
N MET A 288 21.83 5.15 1.90
CA MET A 288 22.14 5.92 3.15
C MET A 288 23.09 5.11 4.04
N PHE A 303 18.99 16.64 -0.65
CA PHE A 303 19.50 15.29 -1.00
C PHE A 303 18.34 14.42 -1.48
N ILE A 304 17.60 13.79 -0.56
CA ILE A 304 16.54 12.84 -1.00
C ILE A 304 15.51 13.57 -1.89
N PRO A 305 15.36 13.24 -3.20
CA PRO A 305 14.52 14.03 -4.10
C PRO A 305 12.99 13.87 -3.99
N TYR A 306 12.45 13.83 -2.77
CA TYR A 306 10.99 13.68 -2.49
C TYR A 306 10.19 14.69 -3.32
N ARG A 307 10.59 15.96 -3.32
CA ARG A 307 9.77 17.06 -3.90
C ARG A 307 9.82 17.09 -5.44
N ASP A 308 10.63 16.25 -6.09
CA ASP A 308 10.72 16.21 -7.58
C ASP A 308 9.45 15.61 -8.19
N SER A 309 8.59 14.93 -7.42
CA SER A 309 7.30 14.45 -7.98
C SER A 309 6.21 14.51 -6.93
N VAL A 310 4.96 14.60 -7.37
CA VAL A 310 3.78 14.64 -6.47
C VAL A 310 3.70 13.33 -5.67
N LEU A 311 4.01 12.19 -6.30
CA LEU A 311 3.87 10.88 -5.61
C LEU A 311 4.88 10.84 -4.45
N THR A 312 6.15 11.12 -4.70
CA THR A 312 7.21 10.98 -3.68
C THR A 312 7.13 12.07 -2.60
N TRP A 313 6.55 13.20 -2.93
CA TRP A 313 6.23 14.30 -1.98
C TRP A 313 5.12 13.84 -1.02
N LEU A 314 3.96 13.49 -1.56
CA LEU A 314 2.83 13.01 -0.74
C LEU A 314 3.19 11.77 0.06
N LEU A 315 4.03 10.87 -0.44
CA LEU A 315 4.38 9.62 0.28
C LEU A 315 5.71 9.78 1.03
N ARG A 316 6.22 11.02 1.19
CA ARG A 316 7.54 11.25 1.84
C ARG A 316 7.62 10.50 3.17
N GLU A 317 6.65 10.69 4.07
CA GLU A 317 6.72 10.04 5.40
C GLU A 317 6.76 8.52 5.23
N ASN A 318 6.06 7.98 4.23
CA ASN A 318 5.91 6.51 4.03
C ASN A 318 7.21 5.92 3.48
N LEU A 319 8.02 6.72 2.80
CA LEU A 319 9.32 6.32 2.20
C LEU A 319 10.46 6.75 3.13
N GLY A 320 10.54 6.19 4.33
CA GLY A 320 11.71 6.39 5.21
C GLY A 320 11.43 7.31 6.37
N GLY A 321 10.19 7.80 6.54
CA GLY A 321 9.82 8.67 7.68
C GLY A 321 8.94 7.95 8.68
N ASN A 322 7.88 8.62 9.10
CA ASN A 322 7.07 8.14 10.24
C ASN A 322 6.01 7.16 9.74
N SER A 323 6.40 5.95 9.39
CA SER A 323 5.50 4.94 8.78
C SER A 323 6.14 3.55 8.85
N ARG A 324 5.33 2.53 9.05
CA ARG A 324 5.71 1.14 8.78
C ARG A 324 5.28 0.87 7.32
N THR A 325 6.21 0.48 6.47
CA THR A 325 5.99 0.44 5.01
C THR A 325 6.35 -0.93 4.47
N ALA A 326 5.56 -1.41 3.49
CA ALA A 326 5.83 -2.66 2.76
C ALA A 326 5.67 -2.38 1.26
N MET A 327 6.48 -3.08 0.48
CA MET A 327 6.45 -3.10 -0.99
C MET A 327 6.03 -4.49 -1.40
N VAL A 328 5.01 -4.61 -2.26
CA VAL A 328 4.73 -5.90 -2.98
C VAL A 328 5.04 -5.68 -4.47
N ALA A 329 6.09 -6.36 -4.95
CA ALA A 329 6.58 -6.23 -6.33
C ALA A 329 5.94 -7.35 -7.18
N ALA A 330 5.09 -6.98 -8.14
CA ALA A 330 4.44 -7.93 -9.07
C ALA A 330 5.40 -8.29 -10.21
N LEU A 331 5.50 -9.58 -10.51
CA LEU A 331 6.43 -10.12 -11.53
C LEU A 331 5.66 -10.91 -12.59
N SER A 332 5.93 -10.62 -13.83
CA SER A 332 5.59 -11.52 -14.97
C SER A 332 6.47 -12.74 -14.88
N PRO A 333 5.93 -13.95 -15.14
CA PRO A 333 6.72 -15.17 -15.23
C PRO A 333 7.47 -15.31 -16.57
N ALA A 334 7.12 -14.50 -17.57
CA ALA A 334 7.37 -14.81 -19.00
C ALA A 334 8.76 -14.39 -19.45
N ASP A 335 9.40 -15.24 -20.26
CA ASP A 335 10.70 -14.92 -20.91
C ASP A 335 10.70 -13.52 -21.57
N ILE A 336 9.61 -13.15 -22.25
CA ILE A 336 9.51 -11.90 -23.08
C ILE A 336 9.66 -10.65 -22.18
N ASN A 337 9.52 -10.80 -20.86
CA ASN A 337 9.57 -9.67 -19.88
C ASN A 337 10.86 -9.69 -19.06
N TYR A 338 11.90 -10.44 -19.46
CA TYR A 338 13.15 -10.59 -18.70
C TYR A 338 13.65 -9.25 -18.14
N ASP A 339 13.91 -8.27 -19.01
CA ASP A 339 14.60 -7.03 -18.61
C ASP A 339 13.75 -6.27 -17.57
N GLU A 340 12.44 -6.12 -17.80
CA GLU A 340 11.54 -5.38 -16.88
C GLU A 340 11.44 -6.14 -15.54
N THR A 341 11.37 -7.47 -15.56
CA THR A 341 11.20 -8.29 -14.33
C THR A 341 12.50 -8.19 -13.51
N LEU A 342 13.65 -8.30 -14.17
CA LEU A 342 14.96 -8.07 -13.54
C LEU A 342 15.02 -6.68 -12.90
N SER A 343 14.58 -5.63 -13.59
CA SER A 343 14.57 -4.25 -13.03
C SER A 343 13.65 -4.21 -11.79
N THR A 344 12.47 -4.82 -11.83
CA THR A 344 11.56 -4.85 -10.64
C THR A 344 12.28 -5.55 -9.46
N LEU A 345 12.94 -6.66 -9.72
CA LEU A 345 13.62 -7.46 -8.65
C LEU A 345 14.73 -6.63 -8.02
N ARG A 346 15.48 -5.89 -8.83
CA ARG A 346 16.59 -5.04 -8.32
C ARG A 346 16.04 -3.87 -7.51
N TYR A 347 14.93 -3.24 -7.92
CA TYR A 347 14.32 -2.15 -7.11
C TYR A 347 13.78 -2.76 -5.82
N ALA A 348 13.14 -3.93 -5.88
CA ALA A 348 12.62 -4.63 -4.68
C ALA A 348 13.80 -4.91 -3.74
N ASP A 349 14.91 -5.37 -4.29
CA ASP A 349 16.12 -5.73 -3.50
C ASP A 349 16.66 -4.51 -2.78
N ARG A 350 16.65 -3.34 -3.44
CA ARG A 350 17.07 -2.03 -2.87
C ARG A 350 16.09 -1.58 -1.78
N ALA A 351 14.78 -1.74 -1.99
CA ALA A 351 13.76 -1.29 -1.01
C ALA A 351 13.98 -1.98 0.34
N LYS A 352 14.42 -3.24 0.33
CA LYS A 352 14.72 -4.06 1.52
C LYS A 352 15.72 -3.35 2.46
N GLN A 353 16.61 -2.52 1.92
CA GLN A 353 17.69 -1.79 2.65
C GLN A 353 17.18 -0.47 3.24
N ILE A 354 15.93 -0.07 2.99
CA ILE A 354 15.41 1.24 3.49
C ILE A 354 15.02 1.12 4.96
N ARG A 355 15.45 2.06 5.79
CA ARG A 355 15.00 2.03 7.21
C ARG A 355 13.89 3.06 7.42
N CYS A 356 12.87 2.70 8.19
CA CYS A 356 11.80 3.65 8.51
C CYS A 356 11.95 4.16 9.95
N ASN A 357 11.19 5.18 10.32
CA ASN A 357 11.30 5.80 11.67
C ASN A 357 9.88 6.02 12.20
N ALA A 358 9.11 4.95 12.31
CA ALA A 358 7.72 5.03 12.77
C ALA A 358 7.64 5.19 14.29
N ILE A 359 6.80 6.10 14.73
CA ILE A 359 6.57 6.28 16.19
C ILE A 359 5.10 6.03 16.46
N ILE A 360 4.74 5.63 17.68
CA ILE A 360 3.32 5.41 18.04
C ILE A 360 2.64 6.76 18.29
N ASN A 361 1.44 6.91 17.77
CA ASN A 361 0.68 8.17 17.99
C ASN A 361 0.33 8.22 19.48
N GLU A 362 0.88 9.16 20.23
CA GLU A 362 0.65 9.19 21.70
C GLU A 362 -0.17 10.42 22.14
N ASP A 363 -1.26 10.19 22.87
CA ASP A 363 -2.05 11.32 23.42
C ASP A 363 -1.36 11.76 24.73
N PRO A 364 -0.91 13.03 24.92
CA PRO A 364 -0.32 13.40 26.21
C PRO A 364 -1.31 13.21 27.36
N ASN A 365 -2.61 13.24 27.07
CA ASN A 365 -3.65 13.18 28.12
C ASN A 365 -3.60 11.83 28.84
N ASN A 366 -2.93 10.85 28.25
CA ASN A 366 -2.80 9.53 28.91
C ASN A 366 -2.05 9.70 30.24
N LYS A 367 -1.13 10.67 30.29
CA LYS A 367 -0.35 10.91 31.52
C LYS A 367 -1.19 11.75 32.47
N LEU A 368 -1.85 12.79 31.97
CA LEU A 368 -2.75 13.61 32.82
C LEU A 368 -3.72 12.68 33.55
N ILE A 369 -4.25 11.67 32.85
CA ILE A 369 -5.25 10.75 33.48
C ILE A 369 -4.58 9.99 34.62
N ARG A 370 -3.44 9.37 34.35
CA ARG A 370 -2.75 8.54 35.37
C ARG A 370 -2.51 9.42 36.60
N GLU A 371 -2.05 10.65 36.41
CA GLU A 371 -1.77 11.57 37.55
C GLU A 371 -3.06 11.88 38.30
N LEU A 372 -4.05 12.43 37.61
CA LEU A 372 -5.31 12.86 38.27
C LEU A 372 -5.90 11.69 39.06
N LYS A 373 -5.69 10.47 38.59
CA LYS A 373 -6.35 9.31 39.25
C LYS A 373 -5.60 8.90 40.53
N ASP A 374 -4.27 8.95 40.49
CA ASP A 374 -3.47 8.58 41.67
C ASP A 374 -3.75 9.60 42.75
N GLU A 375 -3.71 10.84 42.36
CA GLU A 375 -3.88 11.99 43.27
C GLU A 375 -5.25 11.90 43.98
N VAL A 376 -6.27 11.35 43.35
CA VAL A 376 -7.63 11.24 43.95
C VAL A 376 -7.76 10.02 44.87
N THR A 377 -7.24 8.86 44.45
CA THR A 377 -7.30 7.64 45.30
C THR A 377 -6.49 7.89 46.57
N ARG A 378 -5.36 8.59 46.43
CA ARG A 378 -4.49 8.93 47.58
C ARG A 378 -5.26 9.81 48.57
N LEU A 379 -5.94 10.85 48.08
CA LEU A 379 -6.78 11.69 48.97
C LEU A 379 -7.87 10.82 49.56
N ARG A 380 -8.49 9.95 48.76
CA ARG A 380 -9.66 9.14 49.25
C ARG A 380 -9.22 8.17 50.36
N ASP A 381 -7.92 7.86 50.42
CA ASP A 381 -7.39 6.97 51.47
C ASP A 381 -7.04 7.82 52.70
#